data_4UZU
#
_entry.id   4UZU
#
_cell.length_a   108.180
_cell.length_b   108.180
_cell.length_c   181.490
_cell.angle_alpha   90.00
_cell.angle_beta   90.00
_cell.angle_gamma   90.00
#
_symmetry.space_group_name_H-M   'I 41 2 2'
#
loop_
_entity.id
_entity.type
_entity.pdbx_description
1 polymer ALPHA-AMYLASE
2 non-polymer GLYCINE
3 non-polymer 'CALCIUM ION'
4 non-polymer 'CHLORIDE ION'
5 non-polymer 'SODIUM ION'
6 water water
#
_entity_poly.entity_id   1
_entity_poly.type   'polypeptide(L)'
_entity_poly.pdbx_seq_one_letter_code
;AAPFNGTMMQYFEWYLPDDGTLWTKVANEANNLSSLGITALWLPPAYKGTSRSDVGYGVYDLYDLGEFNQKGTVRTKYGT
KAQYLQAIQAAHAAGMQVYADVVFDHKGGADGTEWVDAVEVNPSDRNQEISGTYQIQAWTKFDFPGRGNTYSSFKWRWYH
FDGVDWDESRKLSRIYKFRGKAWDWEVDTEFGNYDYLMYADLDMDHPEVVTELKNWGKWYVNTTNIDGFRLDAVKHIKFS
FFPDWLSYVRSQTGKPLFTVGEYWSYDINKLHNYITKTDGTMSLFDAPLHNKFYTASKSGGAFDMRTLMTNTLMKDQPTL
AVTFVDNHDTEPGQALQSWVDPWFKPLAYAFILTRQEGYPCVFYGDYYGIPQYNIPSLKSKIDPLLIARRDYAYGTQHDY
LDHSDIIGWTREGGTEKPGSGLAALITDGPGGSKWMYVGKQHAGKVFYDLTGNRSDTVTINSDGWGEFKVNGGSVSVWVP
RKTTVSTIARPITTRPWTGEFVRWTEPRLVAWP
;
_entity_poly.pdbx_strand_id   A
#
# COMPACT_ATOMS: atom_id res chain seq x y z
N PHE A 4 14.23 -17.32 0.73
CA PHE A 4 13.08 -16.81 -0.09
C PHE A 4 12.81 -15.33 0.17
N ASN A 5 12.76 -14.57 -0.93
CA ASN A 5 12.42 -13.14 -0.94
C ASN A 5 11.00 -12.89 -0.43
N GLY A 6 10.78 -11.77 0.25
CA GLY A 6 9.43 -11.37 0.64
C GLY A 6 8.74 -10.67 -0.51
N THR A 7 7.50 -11.06 -0.80
CA THR A 7 6.69 -10.44 -1.85
C THR A 7 5.25 -10.26 -1.40
N MET A 8 4.83 -8.98 -1.31
CA MET A 8 3.49 -8.63 -0.83
C MET A 8 2.55 -8.55 -2.04
N MET A 9 1.26 -8.76 -1.80
CA MET A 9 0.23 -8.41 -2.78
C MET A 9 -0.95 -7.62 -2.18
N GLN A 10 -1.32 -6.54 -2.85
CA GLN A 10 -2.45 -5.72 -2.36
C GLN A 10 -3.65 -6.47 -2.92
N TYR A 11 -4.46 -7.07 -2.05
CA TYR A 11 -5.45 -8.01 -2.55
C TYR A 11 -6.86 -7.43 -2.71
N PHE A 12 -6.95 -6.30 -3.43
CA PHE A 12 -8.20 -5.69 -3.80
C PHE A 12 -7.94 -4.56 -4.77
N GLU A 13 -9.02 -4.09 -5.41
CA GLU A 13 -8.97 -2.82 -6.14
C GLU A 13 -10.29 -2.08 -5.92
N TRP A 14 -10.33 -0.81 -6.34
CA TRP A 14 -11.46 0.04 -6.00
C TRP A 14 -12.80 -0.48 -6.54
N TYR A 15 -12.79 -0.93 -7.79
CA TYR A 15 -14.03 -1.22 -8.52
C TYR A 15 -14.48 -2.68 -8.44
N LEU A 16 -13.97 -3.43 -7.47
CA LEU A 16 -14.56 -4.73 -7.17
C LEU A 16 -16.08 -4.60 -7.01
N PRO A 17 -16.84 -5.57 -7.54
CA PRO A 17 -18.30 -5.55 -7.30
C PRO A 17 -18.63 -5.66 -5.78
N ASP A 18 -19.68 -5.00 -5.32
CA ASP A 18 -20.17 -5.23 -3.97
C ASP A 18 -20.96 -6.57 -3.91
N ASP A 19 -20.26 -7.70 -3.97
CA ASP A 19 -20.93 -9.00 -3.98
C ASP A 19 -20.55 -9.90 -2.83
N GLY A 20 -19.71 -9.40 -1.90
CA GLY A 20 -19.36 -10.18 -0.71
C GLY A 20 -18.58 -11.46 -0.91
N THR A 21 -17.73 -11.48 -1.96
CA THR A 21 -16.96 -12.66 -2.33
C THR A 21 -15.44 -12.57 -2.10
N LEU A 22 -14.92 -11.37 -1.85
CA LEU A 22 -13.47 -11.26 -1.77
C LEU A 22 -12.80 -12.19 -0.75
N TRP A 23 -13.38 -12.34 0.44
CA TRP A 23 -12.76 -13.20 1.43
C TRP A 23 -12.73 -14.65 0.90
N THR A 24 -13.74 -15.00 0.13
CA THR A 24 -13.81 -16.38 -0.43
C THR A 24 -12.70 -16.57 -1.47
N LYS A 25 -12.51 -15.56 -2.31
CA LYS A 25 -11.45 -15.57 -3.29
C LYS A 25 -10.08 -15.75 -2.63
N VAL A 26 -9.83 -15.01 -1.54
CA VAL A 26 -8.57 -15.17 -0.81
C VAL A 26 -8.31 -16.64 -0.41
N ALA A 27 -9.30 -17.25 0.23
CA ALA A 27 -9.20 -18.66 0.65
C ALA A 27 -8.97 -19.58 -0.56
N ASN A 28 -9.68 -19.34 -1.65
CA ASN A 28 -9.53 -20.15 -2.86
C ASN A 28 -8.22 -19.99 -3.60
N GLU A 29 -7.65 -18.78 -3.58
CA GLU A 29 -6.48 -18.47 -4.37
C GLU A 29 -5.14 -18.55 -3.64
N ALA A 30 -5.20 -18.64 -2.30
CA ALA A 30 -4.04 -18.65 -1.41
C ALA A 30 -2.89 -19.57 -1.81
N ASN A 31 -3.20 -20.84 -2.08
CA ASN A 31 -2.17 -21.79 -2.50
C ASN A 31 -1.52 -21.40 -3.81
N ASN A 32 -2.34 -21.02 -4.79
CA ASN A 32 -1.85 -20.59 -6.10
C ASN A 32 -0.89 -19.42 -5.95
N LEU A 33 -1.29 -18.47 -5.12
CA LEU A 33 -0.48 -17.27 -4.93
C LEU A 33 0.84 -17.59 -4.25
N SER A 34 0.77 -18.40 -3.19
CA SER A 34 1.94 -18.78 -2.44
CA SER A 34 1.95 -18.78 -2.43
C SER A 34 2.92 -19.58 -3.32
N SER A 35 2.37 -20.38 -4.22
CA SER A 35 3.23 -21.15 -5.12
C SER A 35 4.07 -20.26 -6.06
N LEU A 36 3.55 -19.09 -6.40
CA LEU A 36 4.30 -18.08 -7.15
C LEU A 36 5.24 -17.22 -6.28
N GLY A 37 5.34 -17.53 -5.01
CA GLY A 37 6.27 -16.77 -4.14
C GLY A 37 5.68 -15.54 -3.44
N ILE A 38 4.38 -15.28 -3.60
CA ILE A 38 3.73 -14.27 -2.75
C ILE A 38 3.86 -14.71 -1.28
N THR A 39 4.36 -13.83 -0.41
CA THR A 39 4.48 -14.22 1.01
C THR A 39 3.58 -13.45 1.96
N ALA A 40 2.95 -12.40 1.46
CA ALA A 40 2.08 -11.61 2.31
C ALA A 40 0.97 -10.94 1.52
N LEU A 41 -0.21 -10.91 2.11
CA LEU A 41 -1.36 -10.22 1.53
C LEU A 41 -1.80 -9.04 2.41
N TRP A 42 -1.86 -7.87 1.77
CA TRP A 42 -2.53 -6.72 2.34
C TRP A 42 -4.02 -6.78 1.94
N LEU A 43 -4.86 -6.99 2.94
CA LEU A 43 -6.33 -7.00 2.78
C LEU A 43 -6.97 -5.65 3.07
N PRO A 44 -8.06 -5.30 2.34
CA PRO A 44 -8.73 -4.01 2.51
C PRO A 44 -9.37 -3.92 3.91
N PRO A 45 -9.78 -2.69 4.33
CA PRO A 45 -10.42 -2.59 5.62
C PRO A 45 -11.57 -3.59 5.74
N ALA A 46 -11.61 -4.32 6.85
CA ALA A 46 -12.53 -5.48 6.96
C ALA A 46 -13.75 -5.23 7.85
N TYR A 47 -13.81 -4.01 8.39
CA TYR A 47 -14.86 -3.60 9.32
C TYR A 47 -15.93 -2.71 8.61
N LYS A 48 -17.10 -2.59 9.23
CA LYS A 48 -18.30 -1.96 8.66
C LYS A 48 -18.10 -0.48 8.32
N GLY A 49 -18.33 -0.17 7.06
CA GLY A 49 -18.25 1.21 6.54
C GLY A 49 -19.60 1.91 6.58
N THR A 50 -19.66 3.08 5.94
CA THR A 50 -20.90 3.89 5.90
C THR A 50 -22.06 3.19 5.16
N SER A 51 -21.73 2.22 4.29
CA SER A 51 -22.74 1.38 3.61
C SER A 51 -22.08 0.06 3.27
N ARG A 52 -22.87 -0.89 2.76
CA ARG A 52 -22.33 -2.19 2.39
C ARG A 52 -21.25 -2.05 1.30
N SER A 53 -21.42 -1.12 0.37
CA SER A 53 -20.51 -0.99 -0.78
C SER A 53 -19.29 -0.08 -0.52
N ASP A 54 -19.15 0.45 0.70
CA ASP A 54 -17.98 1.24 1.01
C ASP A 54 -16.72 0.34 0.79
N VAL A 55 -15.71 0.86 0.09
CA VAL A 55 -14.44 0.10 -0.08
C VAL A 55 -13.76 -0.19 1.27
N GLY A 56 -14.17 0.58 2.28
CA GLY A 56 -13.70 0.36 3.68
C GLY A 56 -13.07 1.58 4.38
N TYR A 57 -12.80 2.65 3.62
CA TYR A 57 -12.14 3.85 4.22
C TYR A 57 -13.17 4.78 4.90
N GLY A 58 -14.44 4.55 4.59
CA GLY A 58 -15.54 5.27 5.22
C GLY A 58 -15.94 4.52 6.47
N VAL A 59 -14.98 4.30 7.39
CA VAL A 59 -15.13 3.42 8.54
C VAL A 59 -16.26 3.89 9.51
N TYR A 60 -17.20 2.99 9.78
CA TYR A 60 -18.26 3.24 10.77
C TYR A 60 -17.92 2.54 12.11
N ASP A 61 -17.77 1.22 12.10
CA ASP A 61 -17.56 0.50 13.35
C ASP A 61 -16.39 -0.47 13.24
N LEU A 62 -15.26 -0.11 13.87
CA LEU A 62 -14.06 -0.96 13.87
C LEU A 62 -14.25 -2.39 14.42
N TYR A 63 -15.27 -2.56 15.26
CA TYR A 63 -15.56 -3.86 15.93
C TYR A 63 -16.57 -4.71 15.19
N ASP A 64 -17.12 -4.18 14.09
CA ASP A 64 -18.06 -4.96 13.28
C ASP A 64 -17.35 -5.51 12.02
N LEU A 65 -16.93 -6.79 12.05
CA LEU A 65 -16.19 -7.36 10.91
C LEU A 65 -17.08 -8.02 9.85
N GLY A 66 -18.27 -7.47 9.65
CA GLY A 66 -19.29 -8.13 8.81
C GLY A 66 -20.05 -9.17 9.65
N GLU A 67 -20.29 -8.81 10.91
CA GLU A 67 -20.96 -9.69 11.90
C GLU A 67 -22.30 -9.14 12.40
N PHE A 68 -22.44 -7.82 12.46
CA PHE A 68 -23.66 -7.19 13.01
C PHE A 68 -24.50 -6.50 11.98
N ASN A 69 -25.79 -6.39 12.29
CA ASN A 69 -26.75 -5.76 11.42
C ASN A 69 -26.64 -4.24 11.63
N GLN A 70 -25.80 -3.60 10.82
CA GLN A 70 -25.47 -2.18 10.98
C GLN A 70 -25.24 -1.55 9.60
N LYS A 71 -25.73 -0.32 9.42
CA LYS A 71 -25.66 0.41 8.14
C LYS A 71 -26.34 -0.33 7.02
N GLY A 72 -27.39 -1.09 7.34
CA GLY A 72 -28.26 -1.69 6.32
C GLY A 72 -27.82 -3.00 5.74
N THR A 73 -26.87 -3.64 6.42
CA THR A 73 -26.25 -4.89 5.98
C THR A 73 -25.68 -5.61 7.16
N VAL A 74 -25.43 -6.91 7.00
CA VAL A 74 -24.66 -7.66 7.98
C VAL A 74 -23.20 -7.72 7.49
N ARG A 75 -22.98 -8.36 6.34
CA ARG A 75 -21.64 -8.41 5.72
C ARG A 75 -21.11 -7.02 5.31
N THR A 76 -19.78 -6.92 5.18
CA THR A 76 -19.12 -5.78 4.51
C THR A 76 -19.13 -6.05 2.99
N LYS A 77 -18.53 -5.14 2.21
CA LYS A 77 -18.41 -5.34 0.77
C LYS A 77 -17.74 -6.68 0.46
N TYR A 78 -16.90 -7.13 1.39
CA TYR A 78 -16.01 -8.23 1.16
C TYR A 78 -16.49 -9.55 1.66
N GLY A 79 -17.49 -9.56 2.53
CA GLY A 79 -17.98 -10.81 3.14
C GLY A 79 -18.27 -10.67 4.63
N THR A 80 -18.43 -11.81 5.29
CA THR A 80 -18.81 -11.91 6.69
C THR A 80 -17.56 -12.09 7.54
N LYS A 81 -17.73 -11.89 8.85
CA LYS A 81 -16.63 -12.09 9.76
C LYS A 81 -16.01 -13.48 9.64
N ALA A 82 -16.87 -14.50 9.58
CA ALA A 82 -16.41 -15.89 9.42
C ALA A 82 -15.60 -16.14 8.13
N GLN A 83 -16.09 -15.60 7.02
CA GLN A 83 -15.35 -15.67 5.77
C GLN A 83 -13.99 -14.96 5.88
N TYR A 84 -13.91 -13.88 6.68
CA TYR A 84 -12.62 -13.13 6.86
C TYR A 84 -11.63 -13.95 7.66
N LEU A 85 -12.09 -14.44 8.80
CA LEU A 85 -11.28 -15.33 9.65
C LEU A 85 -10.81 -16.54 8.85
N GLN A 86 -11.72 -17.16 8.10
CA GLN A 86 -11.35 -18.28 7.20
C GLN A 86 -10.34 -17.86 6.12
N ALA A 87 -10.45 -16.64 5.58
CA ALA A 87 -9.45 -16.18 4.60
C ALA A 87 -8.07 -16.13 5.20
N ILE A 88 -7.97 -15.61 6.43
CA ILE A 88 -6.69 -15.44 7.11
C ILE A 88 -6.09 -16.83 7.44
N GLN A 89 -6.95 -17.75 7.87
CA GLN A 89 -6.46 -19.13 8.12
C GLN A 89 -5.93 -19.79 6.84
N ALA A 90 -6.65 -19.63 5.72
CA ALA A 90 -6.22 -20.16 4.42
C ALA A 90 -4.89 -19.58 3.93
N ALA A 91 -4.69 -18.27 4.13
CA ALA A 91 -3.41 -17.65 3.79
C ALA A 91 -2.27 -18.25 4.63
N HIS A 92 -2.53 -18.40 5.92
CA HIS A 92 -1.58 -19.01 6.83
C HIS A 92 -1.27 -20.47 6.43
N ALA A 93 -2.27 -21.24 6.02
CA ALA A 93 -2.01 -22.65 5.57
C ALA A 93 -1.16 -22.69 4.34
N ALA A 94 -1.34 -21.70 3.46
CA ALA A 94 -0.49 -21.53 2.29
C ALA A 94 0.88 -20.96 2.61
N GLY A 95 1.19 -20.68 3.88
CA GLY A 95 2.47 -20.07 4.26
C GLY A 95 2.60 -18.56 3.97
N MET A 96 1.47 -17.85 3.97
CA MET A 96 1.47 -16.40 3.75
C MET A 96 1.01 -15.64 4.99
N GLN A 97 1.58 -14.44 5.18
CA GLN A 97 1.17 -13.57 6.27
C GLN A 97 0.03 -12.65 5.79
N VAL A 98 -0.76 -12.13 6.73
CA VAL A 98 -1.85 -11.19 6.42
C VAL A 98 -1.62 -9.84 7.09
N TYR A 99 -1.53 -8.77 6.28
CA TYR A 99 -1.53 -7.37 6.78
C TYR A 99 -2.90 -6.70 6.60
N ALA A 100 -3.51 -6.29 7.72
CA ALA A 100 -4.84 -5.70 7.74
C ALA A 100 -4.80 -4.18 7.65
N ASP A 101 -5.68 -3.64 6.80
CA ASP A 101 -5.78 -2.19 6.61
C ASP A 101 -6.36 -1.54 7.89
N VAL A 102 -5.71 -0.48 8.37
CA VAL A 102 -6.11 0.19 9.61
C VAL A 102 -6.50 1.65 9.27
N VAL A 103 -7.75 2.03 9.52
CA VAL A 103 -8.28 3.38 9.19
C VAL A 103 -8.64 4.11 10.48
N PHE A 104 -7.74 5.00 10.93
CA PHE A 104 -7.84 5.72 12.19
C PHE A 104 -8.08 7.24 11.95
N ASP A 105 -7.99 7.70 10.69
CA ASP A 105 -8.05 9.16 10.46
C ASP A 105 -9.40 9.82 10.83
N HIS A 106 -10.50 9.17 10.47
CA HIS A 106 -11.80 9.75 10.57
C HIS A 106 -12.80 8.61 10.81
N LYS A 107 -14.06 8.97 11.03
CA LYS A 107 -15.11 7.99 11.25
C LYS A 107 -16.36 8.58 10.65
N GLY A 108 -17.07 7.80 9.83
CA GLY A 108 -18.27 8.30 9.16
C GLY A 108 -19.50 7.47 9.53
N GLY A 109 -20.65 7.96 9.05
CA GLY A 109 -21.95 7.29 9.25
C GLY A 109 -22.47 7.30 10.70
N ALA A 110 -22.19 8.37 11.44
CA ALA A 110 -22.62 8.44 12.86
C ALA A 110 -24.10 8.12 12.98
N ASP A 111 -24.48 7.60 14.13
CA ASP A 111 -25.87 7.24 14.40
C ASP A 111 -26.75 8.48 14.62
N GLY A 112 -26.16 9.55 15.13
CA GLY A 112 -26.91 10.77 15.42
C GLY A 112 -26.02 12.01 15.42
N THR A 113 -26.68 13.17 15.53
CA THR A 113 -26.02 14.47 15.53
C THR A 113 -25.97 15.04 16.94
N GLU A 114 -25.06 15.99 17.14
CA GLU A 114 -24.93 16.73 18.38
C GLU A 114 -24.70 18.20 17.98
N TRP A 115 -25.16 19.11 18.83
CA TRP A 115 -25.00 20.55 18.62
C TRP A 115 -23.65 20.94 19.18
N VAL A 116 -22.84 21.57 18.33
CA VAL A 116 -21.45 21.85 18.69
C VAL A 116 -21.10 23.23 18.17
N ASP A 117 -20.44 24.02 19.00
CA ASP A 117 -19.94 25.31 18.55
C ASP A 117 -18.68 25.06 17.71
N ALA A 118 -18.62 25.71 16.54
CA ALA A 118 -17.57 25.40 15.59
C ALA A 118 -17.21 26.64 14.80
N VAL A 119 -16.13 26.57 14.00
CA VAL A 119 -15.80 27.63 13.08
C VAL A 119 -15.38 27.02 11.71
N GLU A 120 -15.68 27.71 10.62
CA GLU A 120 -15.21 27.25 9.30
C GLU A 120 -13.72 27.55 9.16
N VAL A 121 -12.95 26.60 8.65
CA VAL A 121 -11.58 26.93 8.25
C VAL A 121 -11.43 26.81 6.72
N ASN A 122 -10.40 27.43 6.19
CA ASN A 122 -10.10 27.40 4.74
C ASN A 122 -9.62 26.00 4.31
N PRO A 123 -10.30 25.34 3.34
CA PRO A 123 -9.81 24.07 2.85
C PRO A 123 -8.38 24.12 2.28
N SER A 124 -8.01 25.27 1.73
CA SER A 124 -6.67 25.49 1.23
C SER A 124 -5.69 25.87 2.30
N ASP A 125 -6.16 26.20 3.50
CA ASP A 125 -5.27 26.63 4.63
C ASP A 125 -6.04 26.44 5.93
N ARG A 126 -5.95 25.25 6.49
CA ARG A 126 -6.82 24.90 7.63
C ARG A 126 -6.37 25.59 8.93
N ASN A 127 -5.24 26.29 8.88
CA ASN A 127 -4.87 27.20 9.98
C ASN A 127 -5.57 28.54 9.99
N GLN A 128 -6.28 28.88 8.90
CA GLN A 128 -6.98 30.14 8.73
C GLN A 128 -8.49 29.96 8.95
N GLU A 129 -9.05 30.62 9.98
CA GLU A 129 -10.49 30.58 10.22
C GLU A 129 -11.17 31.54 9.25
N ILE A 130 -12.25 31.09 8.61
CA ILE A 130 -12.93 31.89 7.60
C ILE A 130 -14.41 32.17 7.95
N SER A 131 -14.79 31.90 9.18
CA SER A 131 -16.10 32.39 9.68
C SER A 131 -15.92 32.81 11.15
N GLY A 132 -16.99 33.35 11.73
CA GLY A 132 -17.07 33.51 13.19
C GLY A 132 -17.58 32.17 13.74
N THR A 133 -17.52 32.01 15.06
CA THR A 133 -18.15 30.88 15.75
C THR A 133 -19.63 30.79 15.47
N TYR A 134 -20.10 29.61 15.10
CA TYR A 134 -21.53 29.36 15.11
C TYR A 134 -21.84 27.92 15.43
N GLN A 135 -23.10 27.67 15.80
CA GLN A 135 -23.50 26.37 16.31
C GLN A 135 -23.92 25.46 15.15
N ILE A 136 -23.38 24.25 15.08
CA ILE A 136 -23.74 23.34 13.98
C ILE A 136 -24.28 22.03 14.54
N GLN A 137 -24.96 21.26 13.66
CA GLN A 137 -25.42 19.93 13.98
C GLN A 137 -24.48 18.95 13.27
N ALA A 138 -23.64 18.30 14.07
CA ALA A 138 -22.56 17.48 13.55
C ALA A 138 -22.86 16.01 13.71
N TRP A 139 -22.49 15.21 12.72
CA TRP A 139 -22.68 13.76 12.79
C TRP A 139 -21.55 13.11 13.61
N THR A 140 -21.69 13.13 14.94
CA THR A 140 -20.61 12.72 15.84
C THR A 140 -21.02 11.65 16.85
N LYS A 141 -22.31 11.24 16.84
CA LYS A 141 -22.82 10.37 17.91
C LYS A 141 -22.81 8.94 17.39
N PHE A 142 -21.91 8.12 17.94
CA PHE A 142 -21.81 6.73 17.57
C PHE A 142 -22.15 5.85 18.76
N ASP A 143 -23.26 5.14 18.62
CA ASP A 143 -23.73 4.21 19.67
C ASP A 143 -23.78 2.74 19.24
N PHE A 144 -23.67 2.45 17.93
CA PHE A 144 -23.61 1.07 17.43
C PHE A 144 -24.76 0.16 17.93
N PRO A 145 -26.02 0.56 17.65
CA PRO A 145 -27.18 -0.14 18.22
C PRO A 145 -27.32 -1.55 17.67
N GLY A 146 -26.78 -1.82 16.47
CA GLY A 146 -26.70 -3.17 15.95
C GLY A 146 -25.75 -4.10 16.69
N ARG A 147 -24.67 -3.55 17.26
CA ARG A 147 -23.67 -4.38 17.97
C ARG A 147 -23.92 -4.44 19.47
N GLY A 148 -24.57 -3.39 19.97
CA GLY A 148 -24.63 -3.13 21.41
C GLY A 148 -23.24 -2.98 21.96
N ASN A 149 -23.02 -3.69 23.07
CA ASN A 149 -21.78 -3.62 23.80
C ASN A 149 -20.92 -4.85 23.61
N THR A 150 -21.25 -5.69 22.64
CA THR A 150 -20.38 -6.80 22.27
C THR A 150 -18.98 -6.26 21.94
N TYR A 151 -17.96 -6.89 22.55
CA TYR A 151 -16.54 -6.57 22.39
C TYR A 151 -16.08 -5.30 23.09
N SER A 152 -16.87 -4.24 22.96
CA SER A 152 -16.52 -2.91 23.46
C SER A 152 -17.77 -2.11 23.80
N SER A 153 -17.77 -1.44 24.94
CA SER A 153 -18.91 -0.57 25.32
C SER A 153 -18.64 0.91 25.00
N PHE A 154 -17.49 1.20 24.42
CA PHE A 154 -17.07 2.59 24.15
C PHE A 154 -17.98 3.27 23.13
N LYS A 155 -18.46 4.46 23.48
CA LYS A 155 -19.34 5.24 22.60
C LYS A 155 -18.58 6.48 22.17
N TRP A 156 -18.80 6.92 20.93
CA TRP A 156 -18.10 8.11 20.40
C TRP A 156 -19.01 9.34 20.48
N ARG A 157 -18.42 10.48 20.81
CA ARG A 157 -19.16 11.74 20.87
C ARG A 157 -18.34 12.85 20.22
N TRP A 158 -18.95 14.02 20.04
CA TRP A 158 -18.27 15.19 19.43
C TRP A 158 -16.85 15.42 19.94
N TYR A 159 -16.62 15.25 21.25
CA TYR A 159 -15.34 15.62 21.85
C TYR A 159 -14.22 14.62 21.58
N HIS A 160 -14.54 13.52 20.87
CA HIS A 160 -13.48 12.65 20.40
C HIS A 160 -12.91 13.09 19.05
N PHE A 161 -13.51 14.15 18.46
CA PHE A 161 -13.19 14.59 17.12
C PHE A 161 -12.68 16.05 17.12
N ASP A 162 -11.85 16.40 16.14
CA ASP A 162 -11.42 17.80 15.99
C ASP A 162 -12.40 18.59 15.15
N GLY A 163 -13.13 17.91 14.27
CA GLY A 163 -14.11 18.60 13.43
C GLY A 163 -14.75 17.67 12.43
N VAL A 164 -15.53 18.25 11.49
CA VAL A 164 -16.34 17.54 10.52
C VAL A 164 -16.48 18.37 9.25
N ASP A 165 -17.16 17.79 8.24
CA ASP A 165 -17.30 18.45 6.96
C ASP A 165 -18.72 18.81 6.55
N TRP A 166 -19.67 18.76 7.51
CA TRP A 166 -21.08 18.94 7.20
C TRP A 166 -21.80 19.52 8.40
N ASP A 167 -22.56 20.58 8.17
CA ASP A 167 -23.55 21.06 9.13
C ASP A 167 -24.94 20.58 8.69
N GLU A 168 -25.51 19.68 9.48
CA GLU A 168 -26.83 19.08 9.17
C GLU A 168 -28.00 20.07 9.32
N SER A 169 -27.79 21.15 10.08
CA SER A 169 -28.86 22.10 10.33
C SER A 169 -29.07 23.01 9.13
N ARG A 170 -27.98 23.52 8.55
CA ARG A 170 -28.14 24.46 7.45
C ARG A 170 -27.80 23.77 6.15
N LYS A 171 -27.42 22.50 6.25
CA LYS A 171 -27.03 21.68 5.07
C LYS A 171 -25.84 22.30 4.32
N LEU A 172 -24.75 22.54 5.06
CA LEU A 172 -23.58 23.21 4.49
C LEU A 172 -22.38 22.27 4.51
N SER A 173 -21.64 22.23 3.39
CA SER A 173 -20.36 21.51 3.30
CA SER A 173 -20.37 21.52 3.32
C SER A 173 -19.26 22.53 3.58
N ARG A 174 -18.52 22.35 4.66
CA ARG A 174 -17.45 23.29 5.05
C ARG A 174 -16.48 22.44 5.82
N ILE A 175 -15.23 22.86 6.05
CA ILE A 175 -14.39 22.15 7.01
C ILE A 175 -14.59 22.90 8.33
N TYR A 176 -15.20 22.20 9.28
CA TYR A 176 -15.56 22.79 10.57
C TYR A 176 -14.54 22.32 11.61
N LYS A 177 -13.91 23.28 12.29
CA LYS A 177 -13.08 22.95 13.44
C LYS A 177 -13.90 23.25 14.70
N PHE A 178 -14.05 22.27 15.61
CA PHE A 178 -14.85 22.47 16.82
C PHE A 178 -14.14 23.45 17.75
N ARG A 179 -14.92 24.34 18.41
CA ARG A 179 -14.30 25.33 19.29
C ARG A 179 -13.69 24.63 20.49
N GLY A 180 -12.49 25.05 20.88
CA GLY A 180 -11.78 24.36 21.95
C GLY A 180 -10.91 23.23 21.44
N LYS A 181 -11.11 22.83 20.16
CA LYS A 181 -10.25 21.77 19.52
C LYS A 181 -9.25 22.42 18.58
N ALA A 182 -8.10 21.79 18.43
CA ALA A 182 -7.09 22.26 17.52
C ALA A 182 -6.72 21.09 16.61
N TRP A 183 -6.35 21.42 15.38
CA TRP A 183 -5.74 20.40 14.51
C TRP A 183 -4.52 19.80 15.19
N ASP A 184 -4.40 18.47 15.09
CA ASP A 184 -3.26 17.77 15.73
C ASP A 184 -1.93 18.16 15.13
N TRP A 185 -0.85 17.93 15.87
CA TRP A 185 0.48 18.28 15.44
C TRP A 185 1.43 17.24 16.05
N GLU A 186 2.46 16.74 15.32
CA GLU A 186 2.78 17.09 13.92
C GLU A 186 1.95 16.30 12.89
N VAL A 187 1.57 16.99 11.82
CA VAL A 187 1.00 16.37 10.63
C VAL A 187 1.62 17.02 9.39
N ASP A 188 1.24 16.52 8.22
CA ASP A 188 1.72 17.10 6.96
C ASP A 188 1.27 18.59 6.87
N THR A 189 2.08 19.44 6.24
CA THR A 189 1.78 20.86 6.15
C THR A 189 1.17 21.33 4.84
N GLU A 190 0.83 20.41 3.92
CA GLU A 190 0.11 20.87 2.73
C GLU A 190 -1.24 21.43 3.22
N PHE A 191 -1.73 22.48 2.57
CA PHE A 191 -2.91 23.24 3.06
C PHE A 191 -2.78 23.71 4.50
N GLY A 192 -1.53 24.00 4.93
CA GLY A 192 -1.27 24.61 6.25
C GLY A 192 -1.14 23.54 7.33
N ASN A 193 -2.22 22.77 7.51
CA ASN A 193 -2.27 21.64 8.40
C ASN A 193 -3.21 20.63 7.77
N TYR A 194 -2.67 19.48 7.40
CA TYR A 194 -3.50 18.46 6.68
C TYR A 194 -4.09 17.39 7.61
N ASP A 195 -4.28 17.73 8.89
CA ASP A 195 -4.98 16.83 9.80
C ASP A 195 -6.33 16.44 9.25
N TYR A 196 -7.12 17.43 8.83
CA TYR A 196 -8.50 17.17 8.45
C TYR A 196 -8.54 16.51 7.04
N LEU A 197 -9.33 15.44 6.89
CA LEU A 197 -9.53 14.84 5.55
C LEU A 197 -10.99 14.63 5.10
N MET A 198 -11.79 13.93 5.91
CA MET A 198 -13.21 13.70 5.57
C MET A 198 -13.96 13.15 6.77
N TYR A 199 -15.30 13.17 6.70
CA TYR A 199 -16.16 12.70 7.80
C TYR A 199 -15.80 13.40 9.14
N ALA A 200 -15.88 12.66 10.25
CA ALA A 200 -15.55 13.23 11.56
C ALA A 200 -14.08 12.92 11.82
N ASP A 201 -13.24 13.95 12.01
CA ASP A 201 -11.80 13.78 12.12
C ASP A 201 -11.41 13.46 13.53
N LEU A 202 -10.61 12.41 13.72
CA LEU A 202 -10.30 11.97 15.10
C LEU A 202 -9.35 12.94 15.77
N ASP A 203 -9.63 13.25 17.04
CA ASP A 203 -8.73 14.12 17.80
C ASP A 203 -7.71 13.23 18.48
N MET A 204 -6.53 13.09 17.89
CA MET A 204 -5.52 12.17 18.43
C MET A 204 -4.90 12.70 19.71
N ASP A 205 -5.27 13.91 20.12
CA ASP A 205 -4.72 14.39 21.41
C ASP A 205 -5.69 14.04 22.53
N HIS A 206 -6.88 13.53 22.21
CA HIS A 206 -7.83 13.12 23.26
C HIS A 206 -7.45 11.77 23.91
N PRO A 207 -7.27 11.73 25.24
CA PRO A 207 -6.78 10.46 25.83
C PRO A 207 -7.75 9.28 25.68
N GLU A 208 -9.04 9.54 25.65
CA GLU A 208 -9.99 8.46 25.49
C GLU A 208 -9.88 7.82 24.11
N VAL A 209 -9.61 8.66 23.10
CA VAL A 209 -9.37 8.19 21.75
C VAL A 209 -8.12 7.32 21.71
N VAL A 210 -7.03 7.77 22.32
CA VAL A 210 -5.80 7.03 22.27
C VAL A 210 -5.99 5.66 22.94
N THR A 211 -6.59 5.66 24.14
CA THR A 211 -6.84 4.40 24.86
C THR A 211 -7.72 3.46 24.07
N GLU A 212 -8.82 3.97 23.53
CA GLU A 212 -9.75 3.12 22.75
C GLU A 212 -9.10 2.46 21.52
N LEU A 213 -8.33 3.25 20.75
CA LEU A 213 -7.65 2.67 19.58
C LEU A 213 -6.62 1.61 19.97
N LYS A 214 -5.88 1.84 21.07
CA LYS A 214 -5.03 0.79 21.67
C LYS A 214 -5.83 -0.49 22.04
N ASN A 215 -6.95 -0.29 22.74
CA ASN A 215 -7.87 -1.38 23.08
C ASN A 215 -8.29 -2.13 21.83
N TRP A 216 -8.76 -1.40 20.80
CA TRP A 216 -9.20 -2.05 19.57
C TRP A 216 -8.05 -2.76 18.85
N GLY A 217 -6.87 -2.13 18.81
CA GLY A 217 -5.70 -2.75 18.17
C GLY A 217 -5.36 -4.13 18.74
N LYS A 218 -5.27 -4.21 20.07
CA LYS A 218 -5.00 -5.50 20.74
C LYS A 218 -6.09 -6.54 20.49
N TRP A 219 -7.36 -6.13 20.63
CA TRP A 219 -8.53 -6.99 20.35
C TRP A 219 -8.50 -7.52 18.92
N TYR A 220 -8.18 -6.64 17.96
CA TYR A 220 -8.29 -7.01 16.55
C TYR A 220 -7.24 -8.05 16.18
N VAL A 221 -6.00 -7.83 16.62
CA VAL A 221 -4.91 -8.81 16.38
C VAL A 221 -5.26 -10.19 16.99
N ASN A 222 -5.71 -10.16 18.25
CA ASN A 222 -6.07 -11.42 18.96
C ASN A 222 -7.29 -12.11 18.37
N THR A 223 -8.27 -11.33 17.93
CA THR A 223 -9.49 -11.85 17.34
C THR A 223 -9.27 -12.48 15.95
N THR A 224 -8.46 -11.85 15.12
CA THR A 224 -8.38 -12.24 13.72
C THR A 224 -7.15 -13.07 13.38
N ASN A 225 -6.13 -13.02 14.23
CA ASN A 225 -4.83 -13.70 13.99
C ASN A 225 -3.97 -13.12 12.84
N ILE A 226 -4.23 -11.86 12.46
CA ILE A 226 -3.41 -11.13 11.47
C ILE A 226 -1.94 -10.98 11.89
N ASP A 227 -1.06 -10.65 10.93
CA ASP A 227 0.40 -10.64 11.16
C ASP A 227 1.01 -9.25 11.05
N GLY A 228 0.22 -8.26 10.65
CA GLY A 228 0.76 -6.90 10.55
C GLY A 228 -0.29 -5.92 10.02
N PHE A 229 0.15 -4.73 9.65
CA PHE A 229 -0.83 -3.67 9.38
C PHE A 229 -0.41 -2.89 8.14
N ARG A 230 -1.41 -2.43 7.39
CA ARG A 230 -1.25 -1.31 6.42
C ARG A 230 -2.03 -0.12 7.03
N LEU A 231 -1.31 0.98 7.29
CA LEU A 231 -1.91 2.13 7.99
C LEU A 231 -2.35 3.18 6.99
N ASP A 232 -3.64 3.50 7.00
CA ASP A 232 -4.19 4.40 5.98
C ASP A 232 -3.87 5.84 6.40
N ALA A 233 -3.56 6.68 5.41
CA ALA A 233 -3.69 8.13 5.59
C ALA A 233 -2.80 8.64 6.72
N VAL A 234 -1.58 8.16 6.84
CA VAL A 234 -0.78 8.53 8.02
C VAL A 234 -0.28 10.00 8.03
N LYS A 235 -0.23 10.66 6.86
CA LYS A 235 0.21 12.04 6.84
C LYS A 235 -0.83 12.98 7.50
N HIS A 236 -2.07 12.48 7.67
CA HIS A 236 -3.26 13.16 8.19
C HIS A 236 -3.47 12.81 9.67
N ILE A 237 -2.53 12.06 10.23
CA ILE A 237 -2.63 11.57 11.61
C ILE A 237 -1.39 12.01 12.39
N LYS A 238 -1.61 12.56 13.58
CA LYS A 238 -0.48 12.97 14.45
C LYS A 238 0.68 11.99 14.40
N PHE A 239 1.90 12.48 14.14
CA PHE A 239 3.01 11.57 13.79
C PHE A 239 3.37 10.69 14.98
N SER A 240 3.30 11.27 16.18
CA SER A 240 3.81 10.53 17.36
C SER A 240 2.79 9.52 17.85
N PHE A 241 1.56 9.56 17.33
CA PHE A 241 0.59 8.57 17.74
C PHE A 241 0.96 7.14 17.37
N PHE A 242 1.42 6.91 16.14
CA PHE A 242 1.62 5.52 15.70
C PHE A 242 2.78 4.77 16.39
N PRO A 243 3.94 5.43 16.61
CA PRO A 243 4.96 4.73 17.42
C PRO A 243 4.43 4.24 18.75
N ASP A 244 3.62 5.06 19.41
CA ASP A 244 3.03 4.73 20.70
C ASP A 244 2.05 3.57 20.58
N TRP A 245 1.15 3.67 19.59
CA TRP A 245 0.15 2.62 19.34
C TRP A 245 0.79 1.27 19.00
N LEU A 246 1.73 1.28 18.07
CA LEU A 246 2.39 0.05 17.63
C LEU A 246 3.17 -0.62 18.79
N SER A 247 3.90 0.18 19.57
CA SER A 247 4.68 -0.37 20.70
C SER A 247 3.72 -1.13 21.64
N TYR A 248 2.56 -0.53 21.90
CA TYR A 248 1.54 -1.15 22.72
C TYR A 248 1.00 -2.46 22.14
N VAL A 249 0.51 -2.38 20.89
CA VAL A 249 -0.12 -3.55 20.27
C VAL A 249 0.90 -4.66 20.06
N ARG A 250 2.12 -4.31 19.67
CA ARG A 250 3.18 -5.34 19.48
C ARG A 250 3.53 -6.04 20.80
N SER A 251 3.69 -5.25 21.86
CA SER A 251 4.07 -5.87 23.14
C SER A 251 2.96 -6.73 23.70
N GLN A 252 1.72 -6.22 23.65
CA GLN A 252 0.55 -6.91 24.22
C GLN A 252 0.15 -8.17 23.46
N THR A 253 0.50 -8.27 22.18
CA THR A 253 0.12 -9.45 21.40
C THR A 253 1.26 -10.44 21.24
N GLY A 254 2.49 -9.98 21.50
CA GLY A 254 3.68 -10.81 21.31
C GLY A 254 4.02 -11.11 19.86
N LYS A 255 3.57 -10.28 18.93
CA LYS A 255 3.87 -10.48 17.51
C LYS A 255 4.68 -9.28 17.02
N PRO A 256 5.61 -9.48 16.05
CA PRO A 256 6.40 -8.34 15.57
C PRO A 256 5.54 -7.32 14.82
N LEU A 257 4.48 -7.80 14.16
CA LEU A 257 3.53 -6.93 13.41
C LEU A 257 4.25 -5.98 12.47
N PHE A 258 4.79 -6.52 11.39
CA PHE A 258 5.30 -5.68 10.31
C PHE A 258 4.21 -4.64 9.97
N THR A 259 4.63 -3.39 9.73
CA THR A 259 3.64 -2.33 9.44
C THR A 259 4.20 -1.44 8.34
N VAL A 260 3.33 -1.15 7.37
CA VAL A 260 3.64 -0.21 6.31
C VAL A 260 2.62 0.93 6.34
N GLY A 261 3.10 2.17 6.32
CA GLY A 261 2.21 3.32 6.36
C GLY A 261 2.07 3.92 4.98
N GLU A 262 0.87 4.41 4.66
CA GLU A 262 0.64 5.17 3.42
C GLU A 262 0.86 6.67 3.76
N TYR A 263 2.08 7.18 3.51
CA TYR A 263 2.34 8.66 3.61
C TYR A 263 2.35 9.14 2.17
N TRP A 264 1.23 9.69 1.69
CA TRP A 264 1.15 9.98 0.25
C TRP A 264 1.79 11.31 -0.07
N SER A 265 3.02 11.25 -0.56
CA SER A 265 3.72 12.45 -1.04
C SER A 265 4.77 12.03 -2.05
N TYR A 266 4.98 12.88 -3.05
CA TYR A 266 6.04 12.67 -3.99
C TYR A 266 7.29 13.43 -3.58
N ASP A 267 7.24 14.08 -2.43
CA ASP A 267 8.38 14.81 -1.88
C ASP A 267 9.15 13.87 -0.93
N ILE A 268 10.31 13.41 -1.39
CA ILE A 268 11.10 12.40 -0.66
C ILE A 268 11.45 12.89 0.77
N ASN A 269 11.67 14.20 0.91
CA ASN A 269 12.04 14.76 2.23
C ASN A 269 10.91 14.71 3.25
N LYS A 270 9.67 14.71 2.79
CA LYS A 270 8.53 14.53 3.67
C LYS A 270 8.53 13.11 4.20
N LEU A 271 8.93 12.15 3.38
CA LEU A 271 8.95 10.76 3.85
C LEU A 271 10.11 10.55 4.82
N HIS A 272 11.26 11.16 4.57
CA HIS A 272 12.37 11.04 5.52
C HIS A 272 12.04 11.69 6.85
N ASN A 273 11.41 12.86 6.80
CA ASN A 273 10.85 13.48 8.01
C ASN A 273 9.94 12.53 8.78
N TYR A 274 8.97 11.88 8.12
CA TYR A 274 8.07 11.00 8.82
C TYR A 274 8.77 9.82 9.50
N ILE A 275 9.69 9.22 8.76
CA ILE A 275 10.46 8.08 9.28
C ILE A 275 11.28 8.50 10.51
N THR A 276 11.93 9.66 10.42
CA THR A 276 12.62 10.21 11.60
C THR A 276 11.68 10.40 12.80
N LYS A 277 10.53 11.02 12.55
CA LYS A 277 9.60 11.33 13.63
C LYS A 277 8.91 10.10 14.17
N THR A 278 8.92 9.00 13.42
CA THR A 278 8.37 7.74 13.93
C THR A 278 9.41 6.71 14.35
N ASP A 279 10.69 7.14 14.39
CA ASP A 279 11.81 6.28 14.81
CA ASP A 279 11.82 6.29 14.80
C ASP A 279 11.93 4.94 14.03
N GLY A 280 11.54 4.95 12.75
CA GLY A 280 11.69 3.75 11.91
C GLY A 280 10.84 2.57 12.35
N THR A 281 9.79 2.84 13.11
CA THR A 281 8.87 1.82 13.60
C THR A 281 7.99 1.18 12.50
N MET A 282 7.94 1.78 11.30
CA MET A 282 7.13 1.26 10.20
C MET A 282 7.85 1.51 8.86
N SER A 283 7.54 0.69 7.86
CA SER A 283 7.97 1.03 6.50
C SER A 283 6.94 2.03 5.89
N LEU A 284 7.29 2.63 4.75
CA LEU A 284 6.33 3.46 4.00
C LEU A 284 6.24 3.02 2.55
N PHE A 285 5.07 3.17 1.94
CA PHE A 285 4.94 2.99 0.50
C PHE A 285 5.79 4.04 -0.24
N ASP A 286 6.56 3.57 -1.23
CA ASP A 286 7.45 4.43 -2.01
C ASP A 286 6.64 5.16 -3.08
N ALA A 287 5.90 6.18 -2.64
CA ALA A 287 5.09 6.93 -3.54
C ALA A 287 5.95 7.70 -4.59
N PRO A 288 7.15 8.21 -4.18
CA PRO A 288 7.92 8.92 -5.20
C PRO A 288 8.39 7.96 -6.34
N LEU A 289 8.69 6.70 -6.01
CA LEU A 289 9.01 5.74 -7.07
C LEU A 289 7.78 5.48 -7.95
N HIS A 290 6.58 5.44 -7.36
CA HIS A 290 5.37 5.35 -8.18
C HIS A 290 5.28 6.51 -9.18
N ASN A 291 5.58 7.73 -8.71
CA ASN A 291 5.61 8.89 -9.57
C ASN A 291 6.63 8.75 -10.70
N LYS A 292 7.82 8.23 -10.38
CA LYS A 292 8.85 7.95 -11.39
C LYS A 292 8.34 7.01 -12.48
N PHE A 293 7.74 5.89 -12.08
CA PHE A 293 7.13 4.97 -13.08
C PHE A 293 6.05 5.64 -13.96
N TYR A 294 5.14 6.38 -13.32
CA TYR A 294 4.10 7.10 -14.02
C TYR A 294 4.72 8.05 -15.04
N THR A 295 5.68 8.87 -14.58
CA THR A 295 6.31 9.86 -15.42
C THR A 295 7.03 9.20 -16.61
N ALA A 296 7.80 8.15 -16.32
CA ALA A 296 8.56 7.48 -17.37
C ALA A 296 7.58 6.92 -18.42
N SER A 297 6.52 6.23 -17.97
CA SER A 297 5.48 5.68 -18.88
C SER A 297 4.80 6.66 -19.85
N LYS A 298 4.79 7.94 -19.49
CA LYS A 298 4.08 8.98 -20.24
C LYS A 298 5.04 9.86 -21.02
N SER A 299 6.34 9.61 -20.93
CA SER A 299 7.32 10.54 -21.47
C SER A 299 7.79 10.22 -22.91
N GLY A 300 7.21 9.19 -23.50
CA GLY A 300 7.51 8.80 -24.88
C GLY A 300 8.95 8.40 -25.19
N GLY A 301 9.69 7.87 -24.22
CA GLY A 301 11.14 7.62 -24.36
C GLY A 301 12.09 8.71 -23.81
N ALA A 302 11.56 9.90 -23.57
CA ALA A 302 12.37 11.05 -23.19
C ALA A 302 12.74 11.07 -21.73
N PHE A 303 12.14 10.19 -20.91
CA PHE A 303 12.52 10.11 -19.50
C PHE A 303 13.98 9.65 -19.37
N ASP A 304 14.73 10.23 -18.43
CA ASP A 304 16.11 9.85 -18.27
C ASP A 304 16.14 8.66 -17.31
N MET A 305 16.25 7.46 -17.86
CA MET A 305 16.15 6.28 -17.03
C MET A 305 17.27 6.19 -15.98
N ARG A 306 18.36 6.94 -16.16
CA ARG A 306 19.44 6.94 -15.17
C ARG A 306 18.93 7.48 -13.81
N THR A 307 17.86 8.26 -13.86
CA THR A 307 17.24 8.91 -12.67
C THR A 307 16.08 8.13 -12.07
N LEU A 308 15.82 6.91 -12.57
CA LEU A 308 14.54 6.26 -12.22
C LEU A 308 14.34 6.07 -10.72
N MET A 309 15.42 5.86 -9.95
CA MET A 309 15.25 5.66 -8.51
C MET A 309 15.86 6.80 -7.65
N THR A 310 16.29 7.87 -8.31
CA THR A 310 16.83 9.06 -7.63
C THR A 310 15.72 9.68 -6.78
N ASN A 311 16.03 10.01 -5.52
CA ASN A 311 15.03 10.60 -4.63
C ASN A 311 13.81 9.72 -4.42
N THR A 312 14.05 8.43 -4.23
CA THR A 312 12.96 7.52 -3.87
C THR A 312 13.35 6.85 -2.58
N LEU A 313 12.38 6.24 -1.91
CA LEU A 313 12.70 5.46 -0.73
C LEU A 313 13.46 4.22 -1.04
N MET A 314 13.15 3.60 -2.19
CA MET A 314 13.92 2.41 -2.63
C MET A 314 15.42 2.67 -2.66
N LYS A 315 15.83 3.83 -3.14
CA LYS A 315 17.22 4.21 -3.07
C LYS A 315 17.67 4.66 -1.67
N ASP A 316 16.91 5.59 -1.09
CA ASP A 316 17.42 6.31 0.11
C ASP A 316 17.28 5.52 1.37
N GLN A 317 16.25 4.67 1.49
CA GLN A 317 16.03 3.96 2.73
C GLN A 317 15.41 2.61 2.42
N PRO A 318 16.18 1.74 1.71
CA PRO A 318 15.60 0.51 1.13
C PRO A 318 14.95 -0.47 2.12
N THR A 319 15.43 -0.55 3.36
CA THR A 319 14.82 -1.47 4.33
C THR A 319 13.47 -1.00 4.88
N LEU A 320 13.10 0.26 4.58
CA LEU A 320 11.81 0.78 5.01
C LEU A 320 10.87 1.13 3.84
N ALA A 321 11.22 0.68 2.65
CA ALA A 321 10.44 0.94 1.46
C ALA A 321 9.57 -0.25 1.06
N VAL A 322 8.29 0.01 0.84
CA VAL A 322 7.44 -0.97 0.17
C VAL A 322 7.18 -0.34 -1.21
N THR A 323 7.61 -1.05 -2.26
CA THR A 323 7.66 -0.52 -3.59
C THR A 323 6.45 -1.04 -4.35
N PHE A 324 5.95 -0.29 -5.31
CA PHE A 324 4.71 -0.70 -5.99
C PHE A 324 4.63 0.04 -7.33
N VAL A 325 3.81 -0.48 -8.22
CA VAL A 325 3.62 0.16 -9.50
C VAL A 325 2.35 1.00 -9.47
N ASP A 326 1.25 0.44 -8.99
CA ASP A 326 -0.01 1.17 -8.94
C ASP A 326 -0.79 0.64 -7.75
N ASN A 327 -1.80 1.38 -7.32
CA ASN A 327 -2.69 0.90 -6.24
C ASN A 327 -4.14 1.39 -6.51
N HIS A 328 -5.02 1.15 -5.55
CA HIS A 328 -6.47 1.49 -5.70
C HIS A 328 -6.75 2.98 -5.83
N ASP A 329 -5.87 3.82 -5.25
CA ASP A 329 -5.96 5.29 -5.41
C ASP A 329 -5.42 5.84 -6.73
N THR A 330 -4.46 5.14 -7.35
CA THR A 330 -3.87 5.64 -8.59
C THR A 330 -4.62 5.12 -9.83
N GLU A 331 -5.58 4.20 -9.63
CA GLU A 331 -6.44 3.70 -10.73
C GLU A 331 -7.19 4.80 -11.42
N PRO A 332 -7.55 4.60 -12.70
CA PRO A 332 -8.38 5.60 -13.37
C PRO A 332 -9.64 5.95 -12.56
N GLY A 333 -10.01 7.23 -12.58
CA GLY A 333 -11.23 7.72 -11.96
C GLY A 333 -11.09 7.91 -10.46
N GLN A 334 -9.94 7.55 -9.89
CA GLN A 334 -9.74 7.63 -8.43
C GLN A 334 -8.96 8.87 -7.99
N ALA A 335 -8.89 9.07 -6.68
CA ALA A 335 -8.48 10.35 -6.08
C ALA A 335 -7.04 10.73 -6.38
N LEU A 336 -6.18 9.73 -6.47
CA LEU A 336 -4.76 9.97 -6.72
C LEU A 336 -4.38 9.51 -8.13
N GLN A 337 -5.35 9.58 -9.04
CA GLN A 337 -5.20 8.94 -10.36
C GLN A 337 -3.86 9.28 -10.99
N SER A 338 -3.09 8.27 -11.36
CA SER A 338 -1.75 8.47 -11.97
C SER A 338 -1.33 7.09 -12.46
N TRP A 339 -2.05 6.64 -13.49
CA TRP A 339 -2.06 5.21 -13.85
C TRP A 339 -0.92 4.93 -14.82
N VAL A 340 -0.08 3.94 -14.50
CA VAL A 340 1.10 3.60 -15.32
C VAL A 340 0.60 2.85 -16.56
N ASP A 341 0.96 3.34 -17.72
CA ASP A 341 0.49 2.68 -18.93
C ASP A 341 0.99 1.29 -19.06
N PRO A 342 0.19 0.43 -19.72
CA PRO A 342 0.51 -0.99 -19.78
C PRO A 342 1.85 -1.29 -20.44
N TRP A 343 2.30 -0.50 -21.42
CA TRP A 343 3.60 -0.81 -22.07
C TRP A 343 4.76 -0.79 -21.05
N PHE A 344 4.68 0.16 -20.10
CA PHE A 344 5.79 0.34 -19.16
C PHE A 344 5.63 -0.56 -17.95
N LYS A 345 4.41 -1.04 -17.71
CA LYS A 345 4.14 -1.73 -16.46
C LYS A 345 5.00 -2.97 -16.14
N PRO A 346 5.24 -3.89 -17.13
CA PRO A 346 6.14 -5.03 -16.79
C PRO A 346 7.59 -4.58 -16.46
N LEU A 347 8.04 -3.49 -17.05
CA LEU A 347 9.38 -2.97 -16.75
C LEU A 347 9.46 -2.49 -15.30
N ALA A 348 8.42 -1.77 -14.88
CA ALA A 348 8.32 -1.30 -13.48
C ALA A 348 8.21 -2.51 -12.60
N TYR A 349 7.40 -3.50 -13.00
CA TYR A 349 7.36 -4.73 -12.17
C TYR A 349 8.71 -5.40 -12.08
N ALA A 350 9.46 -5.45 -13.18
CA ALA A 350 10.77 -6.16 -13.11
C ALA A 350 11.74 -5.39 -12.18
N PHE A 351 11.65 -4.07 -12.24
CA PHE A 351 12.49 -3.18 -11.41
C PHE A 351 12.28 -3.48 -9.93
N ILE A 352 11.01 -3.60 -9.50
CA ILE A 352 10.78 -3.81 -8.07
C ILE A 352 10.88 -5.27 -7.65
N LEU A 353 10.58 -6.17 -8.58
CA LEU A 353 10.65 -7.58 -8.23
C LEU A 353 12.02 -8.18 -8.29
N THR A 354 12.92 -7.72 -9.16
CA THR A 354 14.23 -8.41 -9.26
C THR A 354 15.42 -7.75 -8.56
N ARG A 355 15.23 -6.50 -8.10
CA ARG A 355 16.27 -5.79 -7.35
C ARG A 355 16.22 -6.12 -5.87
N GLN A 356 17.36 -5.89 -5.22
CA GLN A 356 17.49 -6.30 -3.84
C GLN A 356 16.86 -5.24 -2.92
N GLU A 357 16.74 -3.99 -3.37
CA GLU A 357 16.18 -2.92 -2.51
C GLU A 357 14.67 -3.06 -2.37
N GLY A 358 14.20 -2.94 -1.11
CA GLY A 358 12.77 -2.71 -0.83
C GLY A 358 11.93 -3.96 -0.77
N TYR A 359 10.68 -3.81 -0.36
CA TYR A 359 9.74 -4.89 -0.22
C TYR A 359 8.63 -4.65 -1.27
N PRO A 360 8.63 -5.43 -2.37
CA PRO A 360 7.69 -5.09 -3.47
C PRO A 360 6.26 -5.54 -3.21
N CYS A 361 5.29 -4.86 -3.86
CA CYS A 361 3.89 -5.11 -3.67
C CYS A 361 3.18 -5.18 -5.02
N VAL A 362 2.62 -6.35 -5.30
CA VAL A 362 1.88 -6.56 -6.56
C VAL A 362 0.47 -6.06 -6.38
N PHE A 363 -0.07 -5.39 -7.40
CA PHE A 363 -1.42 -4.83 -7.31
C PHE A 363 -2.46 -5.80 -7.91
N TYR A 364 -3.43 -6.17 -7.09
CA TYR A 364 -4.55 -6.99 -7.52
C TYR A 364 -5.09 -6.53 -8.91
N GLY A 365 -5.33 -5.24 -9.10
CA GLY A 365 -5.91 -4.73 -10.38
C GLY A 365 -5.02 -4.98 -11.62
N ASP A 366 -3.73 -4.92 -11.44
CA ASP A 366 -2.77 -5.28 -12.49
C ASP A 366 -2.82 -6.78 -12.76
N TYR A 367 -2.81 -7.55 -11.69
CA TYR A 367 -2.71 -9.00 -11.80
C TYR A 367 -3.97 -9.61 -12.42
N TYR A 368 -5.16 -9.23 -11.91
CA TYR A 368 -6.40 -9.79 -12.43
C TYR A 368 -7.11 -8.93 -13.50
N GLY A 369 -6.67 -7.69 -13.69
CA GLY A 369 -7.39 -6.80 -14.57
C GLY A 369 -8.42 -5.96 -13.81
N ILE A 370 -8.91 -4.92 -14.48
CA ILE A 370 -9.92 -4.03 -13.92
C ILE A 370 -11.06 -3.92 -14.97
N PRO A 371 -12.05 -4.81 -14.86
CA PRO A 371 -13.16 -4.82 -15.82
C PRO A 371 -13.89 -3.49 -15.94
N GLN A 372 -13.96 -2.71 -14.84
CA GLN A 372 -14.61 -1.39 -14.85
C GLN A 372 -14.09 -0.48 -15.96
N TYR A 373 -12.79 -0.59 -16.28
CA TYR A 373 -12.20 0.22 -17.35
C TYR A 373 -11.74 -0.61 -18.53
N ASN A 374 -12.20 -1.86 -18.59
CA ASN A 374 -11.79 -2.78 -19.66
C ASN A 374 -10.30 -3.01 -19.70
N ILE A 375 -9.68 -3.14 -18.51
CA ILE A 375 -8.23 -3.27 -18.42
C ILE A 375 -7.91 -4.76 -18.26
N PRO A 376 -7.31 -5.41 -19.31
CA PRO A 376 -7.05 -6.87 -19.21
C PRO A 376 -6.05 -7.21 -18.10
N SER A 377 -6.17 -8.42 -17.54
CA SER A 377 -5.17 -8.96 -16.64
C SER A 377 -3.75 -8.87 -17.22
N LEU A 378 -2.75 -8.54 -16.39
CA LEU A 378 -1.36 -8.65 -16.82
C LEU A 378 -0.72 -9.89 -16.20
N LYS A 379 -1.51 -10.83 -15.70
CA LYS A 379 -0.96 -12.02 -15.06
C LYS A 379 0.13 -12.74 -15.91
N SER A 380 -0.07 -12.79 -17.24
CA SER A 380 0.88 -13.56 -18.11
C SER A 380 2.22 -12.84 -18.24
N LYS A 381 2.25 -11.53 -17.98
CA LYS A 381 3.54 -10.79 -17.97
C LYS A 381 4.16 -10.66 -16.58
N ILE A 382 3.33 -10.73 -15.55
CA ILE A 382 3.77 -10.62 -14.18
C ILE A 382 4.28 -11.95 -13.59
N ASP A 383 3.57 -13.04 -13.86
CA ASP A 383 4.09 -14.36 -13.46
C ASP A 383 5.57 -14.67 -13.78
N PRO A 384 6.05 -14.39 -15.01
CA PRO A 384 7.46 -14.75 -15.19
C PRO A 384 8.40 -13.91 -14.31
N LEU A 385 7.93 -12.70 -13.97
CA LEU A 385 8.72 -11.86 -13.05
C LEU A 385 8.58 -12.31 -11.58
N LEU A 386 7.39 -12.81 -11.19
CA LEU A 386 7.30 -13.44 -9.87
C LEU A 386 8.24 -14.64 -9.75
N ILE A 387 8.28 -15.48 -10.80
CA ILE A 387 9.23 -16.62 -10.82
C ILE A 387 10.68 -16.13 -10.73
N ALA A 388 11.03 -15.09 -11.50
CA ALA A 388 12.35 -14.50 -11.35
C ALA A 388 12.73 -14.17 -9.91
N ARG A 389 11.82 -13.50 -9.19
CA ARG A 389 12.06 -13.14 -7.80
C ARG A 389 12.14 -14.40 -6.89
N ARG A 390 11.20 -15.32 -7.12
CA ARG A 390 11.10 -16.48 -6.28
C ARG A 390 12.38 -17.32 -6.40
N ASP A 391 12.88 -17.53 -7.62
CA ASP A 391 13.96 -18.51 -7.89
C ASP A 391 15.34 -17.92 -8.17
N TYR A 392 15.39 -16.70 -8.70
CA TYR A 392 16.64 -16.24 -9.27
C TYR A 392 17.21 -14.95 -8.66
N ALA A 393 16.33 -14.07 -8.17
CA ALA A 393 16.74 -12.74 -7.66
C ALA A 393 17.42 -12.83 -6.27
N TYR A 394 18.64 -13.38 -6.24
CA TYR A 394 19.35 -13.64 -4.97
C TYR A 394 20.79 -13.20 -5.07
N GLY A 395 21.39 -12.89 -3.92
CA GLY A 395 22.82 -12.53 -3.86
C GLY A 395 23.18 -11.12 -4.29
N THR A 396 24.50 -10.89 -4.39
CA THR A 396 25.08 -9.59 -4.65
C THR A 396 24.55 -8.93 -5.92
N GLN A 397 24.21 -7.64 -5.82
CA GLN A 397 23.67 -6.91 -6.96
C GLN A 397 24.75 -6.03 -7.55
N HIS A 398 24.77 -5.90 -8.88
CA HIS A 398 25.62 -4.92 -9.55
C HIS A 398 24.72 -4.05 -10.40
N ASP A 399 24.99 -2.73 -10.39
CA ASP A 399 24.09 -1.73 -10.99
C ASP A 399 24.59 -1.09 -12.27
N TYR A 400 23.67 -0.95 -13.24
CA TYR A 400 24.03 -0.33 -14.53
C TYR A 400 22.96 0.67 -14.91
N LEU A 401 22.82 1.71 -14.09
CA LEU A 401 21.85 2.76 -14.40
C LEU A 401 22.57 3.85 -15.12
N ASP A 402 23.08 3.49 -16.31
CA ASP A 402 24.10 4.32 -16.95
C ASP A 402 23.77 4.83 -18.35
N HIS A 403 22.51 4.77 -18.78
CA HIS A 403 22.11 5.23 -20.10
C HIS A 403 20.67 5.67 -19.94
N SER A 404 20.29 6.68 -20.68
CA SER A 404 19.00 7.32 -20.49
C SER A 404 17.79 6.52 -21.03
N ASP A 405 18.06 5.43 -21.75
CA ASP A 405 17.01 4.48 -22.12
C ASP A 405 17.18 3.10 -21.50
N ILE A 406 18.34 2.46 -21.78
CA ILE A 406 18.58 1.08 -21.39
C ILE A 406 19.34 1.05 -20.06
N ILE A 407 18.68 0.50 -19.04
CA ILE A 407 19.33 0.35 -17.73
C ILE A 407 19.18 -1.09 -17.33
N GLY A 408 20.10 -1.54 -16.49
CA GLY A 408 20.08 -2.88 -16.02
C GLY A 408 20.76 -3.10 -14.71
N TRP A 409 20.70 -4.34 -14.24
CA TRP A 409 21.33 -4.73 -12.98
C TRP A 409 21.41 -6.27 -13.03
N THR A 410 22.31 -6.79 -12.20
CA THR A 410 22.49 -8.22 -12.08
C THR A 410 22.39 -8.66 -10.62
N ARG A 411 22.11 -9.94 -10.43
CA ARG A 411 22.17 -10.61 -9.12
C ARG A 411 23.05 -11.85 -9.37
N GLU A 412 24.08 -12.02 -8.56
CA GLU A 412 25.04 -13.11 -8.72
C GLU A 412 24.51 -14.48 -8.34
N GLY A 413 23.42 -14.52 -7.58
CA GLY A 413 22.86 -15.78 -7.08
C GLY A 413 23.34 -15.99 -5.67
N GLY A 414 22.59 -16.76 -4.88
CA GLY A 414 22.90 -16.95 -3.47
C GLY A 414 23.54 -18.28 -3.18
N THR A 415 24.59 -18.25 -2.37
CA THR A 415 25.46 -19.40 -2.10
C THR A 415 24.69 -20.60 -1.56
N GLU A 416 23.45 -20.36 -1.16
CA GLU A 416 22.55 -21.42 -0.68
C GLU A 416 21.21 -21.52 -1.43
N LYS A 417 21.12 -20.91 -2.61
CA LYS A 417 19.91 -21.05 -3.44
C LYS A 417 20.37 -21.51 -4.83
N PRO A 418 20.75 -22.81 -4.98
CA PRO A 418 21.41 -23.21 -6.22
C PRO A 418 20.55 -23.00 -7.46
N GLY A 419 21.20 -22.59 -8.56
CA GLY A 419 20.52 -22.28 -9.82
C GLY A 419 20.15 -20.81 -9.93
N SER A 420 20.33 -20.03 -8.86
CA SER A 420 19.88 -18.62 -8.85
C SER A 420 20.91 -17.71 -9.57
N GLY A 421 20.59 -16.43 -9.74
CA GLY A 421 21.38 -15.54 -10.61
C GLY A 421 20.52 -14.97 -11.71
N LEU A 422 20.74 -13.69 -12.06
CA LEU A 422 19.98 -13.04 -13.13
C LEU A 422 20.67 -11.80 -13.66
N ALA A 423 20.28 -11.40 -14.87
CA ALA A 423 20.69 -10.12 -15.43
C ALA A 423 19.48 -9.49 -16.07
N ALA A 424 19.09 -8.30 -15.57
CA ALA A 424 17.86 -7.68 -16.05
C ALA A 424 18.17 -6.43 -16.86
N LEU A 425 17.38 -6.20 -17.91
CA LEU A 425 17.45 -4.96 -18.68
C LEU A 425 16.06 -4.45 -18.96
N ILE A 426 15.86 -3.14 -18.84
CA ILE A 426 14.60 -2.52 -19.26
C ILE A 426 14.92 -1.31 -20.06
N THR A 427 14.02 -0.89 -20.96
CA THR A 427 14.33 0.31 -21.74
C THR A 427 13.08 1.07 -22.01
N ASP A 428 13.13 2.39 -21.85
CA ASP A 428 11.95 3.21 -22.21
C ASP A 428 12.00 3.65 -23.68
N GLY A 429 12.98 3.15 -24.43
CA GLY A 429 13.23 3.60 -25.81
C GLY A 429 13.66 2.44 -26.70
N PRO A 430 14.46 2.70 -27.74
CA PRO A 430 15.00 1.58 -28.53
C PRO A 430 15.74 0.56 -27.67
N GLY A 431 15.70 -0.70 -28.10
CA GLY A 431 16.47 -1.81 -27.52
C GLY A 431 17.94 -1.79 -27.91
N GLY A 432 18.69 -2.75 -27.40
CA GLY A 432 20.13 -2.77 -27.62
C GLY A 432 20.75 -3.75 -26.69
N SER A 433 22.03 -3.58 -26.43
CA SER A 433 22.72 -4.52 -25.56
CA SER A 433 22.77 -4.52 -25.59
C SER A 433 23.44 -3.80 -24.44
N LYS A 434 23.86 -4.56 -23.41
CA LYS A 434 24.68 -4.00 -22.35
C LYS A 434 25.51 -5.09 -21.76
N TRP A 435 26.82 -4.88 -21.74
CA TRP A 435 27.70 -5.77 -21.04
C TRP A 435 27.53 -5.59 -19.54
N MET A 436 27.34 -6.68 -18.81
CA MET A 436 27.16 -6.60 -17.35
C MET A 436 27.79 -7.82 -16.68
N TYR A 437 28.25 -7.63 -15.45
CA TYR A 437 28.95 -8.68 -14.71
C TYR A 437 27.94 -9.45 -13.87
N VAL A 438 27.79 -10.76 -14.12
CA VAL A 438 26.93 -11.62 -13.29
C VAL A 438 27.68 -12.46 -12.27
N GLY A 439 28.99 -12.57 -12.44
CA GLY A 439 29.85 -13.38 -11.56
C GLY A 439 30.76 -14.33 -12.34
N LYS A 440 32.07 -14.30 -12.05
CA LYS A 440 33.04 -15.25 -12.63
C LYS A 440 32.58 -16.72 -12.52
N GLN A 441 31.88 -17.06 -11.42
CA GLN A 441 31.37 -18.41 -11.21
C GLN A 441 30.39 -18.86 -12.28
N HIS A 442 29.90 -17.92 -13.11
CA HIS A 442 28.96 -18.27 -14.17
C HIS A 442 29.65 -18.36 -15.53
N ALA A 443 30.97 -18.16 -15.57
CA ALA A 443 31.77 -18.30 -16.82
C ALA A 443 31.28 -19.52 -17.61
N GLY A 444 31.01 -19.33 -18.90
CA GLY A 444 30.60 -20.43 -19.78
C GLY A 444 29.15 -20.85 -19.74
N LYS A 445 28.39 -20.38 -18.75
CA LYS A 445 26.97 -20.71 -18.68
C LYS A 445 26.18 -19.98 -19.77
N VAL A 446 25.06 -20.58 -20.19
CA VAL A 446 24.15 -19.99 -21.18
C VAL A 446 22.96 -19.42 -20.41
N PHE A 447 22.61 -18.17 -20.67
CA PHE A 447 21.47 -17.51 -20.03
C PHE A 447 20.36 -17.33 -21.05
N TYR A 448 19.10 -17.48 -20.64
CA TYR A 448 17.95 -17.21 -21.52
C TYR A 448 16.99 -16.22 -20.86
N ASP A 449 16.11 -15.64 -21.67
CA ASP A 449 15.18 -14.61 -21.23
C ASP A 449 13.93 -15.26 -20.66
N LEU A 450 13.82 -15.24 -19.35
CA LEU A 450 12.70 -15.80 -18.63
C LEU A 450 11.33 -15.14 -18.95
N THR A 451 11.33 -13.91 -19.45
CA THR A 451 10.07 -13.26 -19.87
C THR A 451 9.50 -13.84 -21.18
N GLY A 452 10.35 -14.55 -21.92
CA GLY A 452 10.06 -14.96 -23.30
C GLY A 452 10.02 -13.82 -24.32
N ASN A 453 10.39 -12.60 -23.92
CA ASN A 453 10.32 -11.53 -24.93
C ASN A 453 11.41 -11.73 -26.00
N ARG A 454 12.47 -12.44 -25.64
CA ARG A 454 13.54 -12.68 -26.61
C ARG A 454 13.86 -14.15 -26.66
N SER A 455 14.24 -14.63 -27.85
CA SER A 455 14.52 -16.06 -28.14
C SER A 455 16.02 -16.38 -28.23
N ASP A 456 16.90 -15.38 -28.35
CA ASP A 456 18.35 -15.62 -28.30
C ASP A 456 18.87 -15.93 -26.89
N THR A 457 20.16 -16.27 -26.78
CA THR A 457 20.76 -16.62 -25.52
C THR A 457 22.02 -15.77 -25.31
N VAL A 458 22.52 -15.75 -24.08
CA VAL A 458 23.71 -14.97 -23.74
C VAL A 458 24.64 -15.91 -22.97
N THR A 459 25.86 -16.04 -23.44
CA THR A 459 26.84 -16.91 -22.82
C THR A 459 27.77 -16.03 -22.04
N ILE A 460 28.04 -16.44 -20.80
CA ILE A 460 28.93 -15.67 -19.91
C ILE A 460 30.39 -15.94 -20.29
N ASN A 461 31.18 -14.86 -20.46
CA ASN A 461 32.60 -14.98 -20.78
C ASN A 461 33.44 -15.43 -19.56
N SER A 462 34.74 -15.66 -19.79
CA SER A 462 35.61 -16.23 -18.74
C SER A 462 35.81 -15.29 -17.55
N ASP A 463 35.56 -13.99 -17.76
CA ASP A 463 35.62 -12.99 -16.69
C ASP A 463 34.29 -12.79 -15.91
N GLY A 464 33.24 -13.50 -16.29
CA GLY A 464 31.95 -13.35 -15.60
C GLY A 464 31.03 -12.26 -16.20
N TRP A 465 31.40 -11.75 -17.37
CA TRP A 465 30.60 -10.75 -18.09
C TRP A 465 29.76 -11.40 -19.19
N GLY A 466 28.54 -10.89 -19.36
CA GLY A 466 27.69 -11.30 -20.48
C GLY A 466 27.22 -10.08 -21.25
N GLU A 467 27.00 -10.22 -22.56
CA GLU A 467 26.45 -9.10 -23.34
C GLU A 467 24.93 -9.31 -23.45
N PHE A 468 24.18 -8.74 -22.48
CA PHE A 468 22.73 -9.00 -22.42
C PHE A 468 21.98 -8.08 -23.33
N LYS A 469 20.78 -8.48 -23.73
CA LYS A 469 20.03 -7.73 -24.71
C LYS A 469 18.56 -7.52 -24.29
N VAL A 470 17.93 -6.53 -24.92
CA VAL A 470 16.54 -6.19 -24.62
C VAL A 470 15.92 -5.57 -25.86
N ASN A 471 14.65 -5.87 -26.11
CA ASN A 471 13.94 -5.23 -27.20
C ASN A 471 13.49 -3.82 -26.91
N GLY A 472 13.04 -3.12 -27.93
CA GLY A 472 12.49 -1.76 -27.77
C GLY A 472 11.31 -1.72 -26.81
N GLY A 473 11.28 -0.70 -25.92
CA GLY A 473 10.13 -0.50 -25.05
C GLY A 473 9.77 -1.72 -24.21
N SER A 474 10.77 -2.47 -23.79
CA SER A 474 10.54 -3.80 -23.28
C SER A 474 11.43 -4.16 -22.08
N VAL A 475 11.28 -5.37 -21.59
CA VAL A 475 12.10 -5.92 -20.52
C VAL A 475 12.62 -7.32 -20.88
N SER A 476 13.89 -7.62 -20.58
CA SER A 476 14.32 -9.04 -20.56
C SER A 476 14.96 -9.37 -19.23
N VAL A 477 14.67 -10.57 -18.74
CA VAL A 477 15.27 -11.05 -17.52
C VAL A 477 16.01 -12.34 -17.79
N TRP A 478 17.33 -12.21 -17.91
CA TRP A 478 18.22 -13.32 -18.31
C TRP A 478 18.61 -14.14 -17.11
N VAL A 479 18.38 -15.44 -17.21
CA VAL A 479 18.71 -16.38 -16.11
C VAL A 479 19.48 -17.61 -16.64
N PRO A 480 20.25 -18.29 -15.77
CA PRO A 480 21.04 -19.43 -16.24
C PRO A 480 20.18 -20.64 -16.54
N ARG A 481 20.45 -21.33 -17.66
CA ARG A 481 19.89 -22.65 -17.91
C ARG A 481 20.23 -23.55 -16.72
N LYS A 482 19.36 -24.50 -16.43
CA LYS A 482 19.54 -25.37 -15.24
C LYS A 482 20.79 -26.27 -15.29
#